data_3W2Y
#
_entry.id   3W2Y
#
_cell.length_a   100.295
_cell.length_b   100.295
_cell.length_c   144.698
_cell.angle_alpha   90.00
_cell.angle_beta   90.00
_cell.angle_gamma   120.00
#
_symmetry.space_group_name_H-M   'P 65'
#
loop_
_entity.id
_entity.type
_entity.pdbx_description
1 polymer Exodeoxyribonuclease
2 non-polymer 'MAGNESIUM ION'
3 non-polymer 'FORMIC ACID'
4 non-polymer DI(HYDROXYETHYL)ETHER
5 water water
#
_entity_poly.entity_id   1
_entity_poly.type   'polypeptide(L)'
_entity_poly.pdbx_seq_one_letter_code
;GSHMTVLKIISWNVNGLRAVHRKGFLKWFMEEKPDILCLQEIKAAPEQLPRKLRHVEGYRSFFTPAERKGYSGVAMYTKV
PPSSLREGFGVERFDTEGRIQIADFDDFLLYNIYFPNGKMSEERLKYKLEFYDAFLEDVNRERDSGRNVIICGDFNTAHR
EIDLARPKENSNVSGFLPVERAWIDKFIENGYVDTFRMFNSDPGQYTSWSYRTRARERNVGWRLDYFFVNEEFKGKVKRS
WILSDVMGSDHCPIGLEIEL
;
_entity_poly.pdbx_strand_id   A,D
#
loop_
_chem_comp.id
_chem_comp.type
_chem_comp.name
_chem_comp.formula
FMT non-polymer 'FORMIC ACID' 'C H2 O2'
MG non-polymer 'MAGNESIUM ION' 'Mg 2'
PEG non-polymer DI(HYDROXYETHYL)ETHER 'C4 H10 O3'
#
# COMPACT_ATOMS: atom_id res chain seq x y z
N THR A 5 18.42 25.40 9.19
CA THR A 5 18.58 25.50 7.70
C THR A 5 17.69 24.50 6.95
N VAL A 6 16.92 25.04 6.01
CA VAL A 6 16.00 24.22 5.24
C VAL A 6 16.63 23.90 3.89
N LEU A 7 16.41 22.69 3.42
CA LEU A 7 16.94 22.25 2.14
C LEU A 7 15.74 21.90 1.26
N LYS A 8 15.66 22.52 0.08
CA LYS A 8 14.55 22.28 -0.85
C LYS A 8 15.03 21.41 -2.01
N ILE A 9 14.35 20.28 -2.20
CA ILE A 9 14.67 19.36 -3.28
C ILE A 9 13.44 19.31 -4.21
N ILE A 10 13.70 19.40 -5.51
CA ILE A 10 12.63 19.27 -6.52
C ILE A 10 12.94 18.08 -7.42
N SER A 11 11.90 17.32 -7.79
CA SER A 11 12.05 16.22 -8.74
C SER A 11 11.12 16.46 -9.92
N TRP A 12 11.59 16.22 -11.14
CA TRP A 12 10.78 16.51 -12.32
C TRP A 12 11.17 15.62 -13.49
N ASN A 13 10.19 14.84 -13.96
CA ASN A 13 10.34 14.15 -15.24
C ASN A 13 10.03 15.17 -16.35
N VAL A 14 11.07 15.58 -17.08
CA VAL A 14 10.95 16.72 -17.99
C VAL A 14 10.63 16.33 -19.45
N ASN A 15 10.52 15.02 -19.70
CA ASN A 15 10.22 14.51 -21.03
C ASN A 15 11.16 15.10 -22.10
N GLY A 16 12.46 15.09 -21.81
CA GLY A 16 13.47 15.60 -22.72
C GLY A 16 13.95 16.96 -22.25
N LEU A 17 15.22 17.05 -21.86
CA LEU A 17 15.76 18.29 -21.33
C LEU A 17 15.81 19.40 -22.40
N ARG A 18 16.22 19.04 -23.62
CA ARG A 18 16.28 20.04 -24.69
C ARG A 18 14.87 20.55 -25.02
N ALA A 19 13.87 19.67 -24.93
CA ALA A 19 12.48 20.05 -25.16
C ALA A 19 11.93 21.01 -24.10
N VAL A 20 12.14 20.70 -22.82
CA VAL A 20 11.63 21.55 -21.75
C VAL A 20 12.35 22.91 -21.74
N HIS A 21 13.59 22.91 -22.23
CA HIS A 21 14.38 24.15 -22.38
C HIS A 21 13.66 25.14 -23.31
N ARG A 22 13.00 24.61 -24.34
CA ARG A 22 12.20 25.43 -25.24
C ARG A 22 10.87 25.87 -24.63
N LYS A 23 10.51 25.29 -23.49
CA LYS A 23 9.23 25.56 -22.86
C LYS A 23 9.38 26.14 -21.45
N GLY A 24 10.41 26.96 -21.25
CA GLY A 24 10.53 27.78 -20.05
C GLY A 24 11.30 27.21 -18.87
N PHE A 25 12.07 26.15 -19.09
CA PHE A 25 12.79 25.45 -18.01
C PHE A 25 13.70 26.36 -17.15
N LEU A 26 14.59 27.09 -17.82
CA LEU A 26 15.57 27.91 -17.08
C LEU A 26 14.89 29.04 -16.32
N LYS A 27 13.86 29.64 -16.92
CA LYS A 27 13.11 30.69 -16.24
C LYS A 27 12.44 30.14 -14.98
N TRP A 28 11.84 28.96 -15.08
CA TRP A 28 11.25 28.31 -13.93
C TRP A 28 12.30 27.99 -12.84
N PHE A 29 13.43 27.41 -13.27
CA PHE A 29 14.50 26.99 -12.35
C PHE A 29 14.97 28.19 -11.52
N MET A 30 15.13 29.34 -12.17
CA MET A 30 15.57 30.56 -11.49
C MET A 30 14.54 31.09 -10.51
N GLU A 31 13.25 30.87 -10.79
CA GLU A 31 12.18 31.29 -9.88
C GLU A 31 12.13 30.41 -8.65
N GLU A 32 12.20 29.10 -8.86
CA GLU A 32 12.01 28.14 -7.79
C GLU A 32 13.22 28.01 -6.86
N LYS A 33 14.42 28.19 -7.41
CA LYS A 33 15.67 28.21 -6.60
C LYS A 33 15.85 27.05 -5.60
N PRO A 34 15.69 25.79 -6.07
CA PRO A 34 15.91 24.69 -5.14
C PRO A 34 17.38 24.49 -4.78
N ASP A 35 17.64 23.84 -3.66
CA ASP A 35 19.00 23.46 -3.33
C ASP A 35 19.47 22.31 -4.21
N ILE A 36 18.53 21.41 -4.53
CA ILE A 36 18.83 20.25 -5.38
C ILE A 36 17.67 20.07 -6.33
N LEU A 37 17.99 19.87 -7.60
CA LEU A 37 17.01 19.57 -8.63
C LEU A 37 17.32 18.22 -9.26
N CYS A 38 16.41 17.26 -9.12
CA CYS A 38 16.56 15.94 -9.74
C CYS A 38 15.66 15.85 -10.97
N LEU A 39 16.24 15.44 -12.09
CA LEU A 39 15.51 15.36 -13.34
C LEU A 39 15.51 13.94 -13.87
N GLN A 40 14.38 13.54 -14.47
CA GLN A 40 14.33 12.26 -15.19
C GLN A 40 13.94 12.47 -16.65
N GLU A 41 14.35 11.54 -17.51
CA GLU A 41 14.11 11.64 -18.95
C GLU A 41 14.80 12.83 -19.59
N ILE A 42 16.10 12.90 -19.39
CA ILE A 42 16.92 13.93 -20.00
C ILE A 42 16.95 13.75 -21.51
N LYS A 43 17.01 12.48 -21.95
CA LYS A 43 17.13 12.12 -23.37
C LYS A 43 18.27 12.86 -24.06
N ALA A 44 19.40 13.00 -23.39
CA ALA A 44 20.56 13.64 -24.00
C ALA A 44 21.85 13.26 -23.32
N ALA A 45 22.91 13.10 -24.11
CA ALA A 45 24.27 13.07 -23.58
C ALA A 45 24.63 14.54 -23.31
N PRO A 46 25.30 14.82 -22.17
CA PRO A 46 25.60 16.22 -21.80
C PRO A 46 26.29 17.03 -22.89
N GLU A 47 27.03 16.35 -23.78
CA GLU A 47 27.67 16.98 -24.93
C GLU A 47 26.67 17.56 -25.94
N GLN A 48 25.46 17.01 -25.97
CA GLN A 48 24.40 17.49 -26.86
C GLN A 48 23.72 18.75 -26.30
N LEU A 49 24.10 19.14 -25.09
CA LEU A 49 23.43 20.24 -24.41
C LEU A 49 24.09 21.60 -24.64
N PRO A 50 23.28 22.66 -24.84
CA PRO A 50 23.83 24.00 -24.87
C PRO A 50 24.50 24.31 -23.53
N ARG A 51 25.51 25.18 -23.58
CA ARG A 51 26.28 25.55 -22.42
C ARG A 51 25.41 26.01 -21.24
N LYS A 52 24.41 26.84 -21.54
CA LYS A 52 23.57 27.43 -20.50
C LYS A 52 22.59 26.44 -19.85
N LEU A 53 22.44 25.27 -20.47
CA LEU A 53 21.62 24.20 -19.94
C LEU A 53 22.49 23.23 -19.14
N ARG A 54 23.69 22.99 -19.66
N ARG A 54 23.62 22.80 -19.72
CA ARG A 54 24.76 22.27 -18.96
CA ARG A 54 24.46 21.79 -19.09
C ARG A 54 25.20 22.96 -17.66
C ARG A 54 25.14 22.37 -17.85
N HIS A 55 25.63 24.22 -17.75
N HIS A 55 25.17 23.70 -17.78
CA HIS A 55 26.09 24.94 -16.57
CA HIS A 55 25.70 24.46 -16.63
C HIS A 55 25.07 25.99 -16.18
C HIS A 55 24.81 25.66 -16.31
N VAL A 56 24.41 25.76 -15.05
CA VAL A 56 23.50 26.78 -14.52
C VAL A 56 24.20 27.43 -13.32
N GLU A 57 24.41 28.75 -13.41
CA GLU A 57 25.14 29.48 -12.37
C GLU A 57 24.66 29.14 -10.97
N GLY A 58 25.61 28.76 -10.10
CA GLY A 58 25.33 28.43 -8.71
C GLY A 58 25.17 26.94 -8.43
N TYR A 59 25.09 26.14 -9.51
CA TYR A 59 24.88 24.70 -9.39
C TYR A 59 26.00 23.86 -10.00
N ARG A 60 26.31 22.76 -9.34
CA ARG A 60 27.07 21.68 -9.96
C ARG A 60 26.06 20.76 -10.62
N SER A 61 26.34 20.32 -11.84
CA SER A 61 25.44 19.38 -12.52
C SER A 61 26.11 18.03 -12.78
N PHE A 62 25.31 16.98 -12.70
CA PHE A 62 25.75 15.61 -12.92
C PHE A 62 24.75 14.92 -13.81
N PHE A 63 25.21 14.33 -14.90
CA PHE A 63 24.32 13.69 -15.88
C PHE A 63 24.63 12.21 -16.01
N THR A 64 23.58 11.40 -16.03
CA THR A 64 23.67 9.96 -16.18
C THR A 64 22.83 9.54 -17.40
N PRO A 65 23.43 9.60 -18.61
CA PRO A 65 22.68 9.20 -19.81
C PRO A 65 22.54 7.69 -19.96
N ALA A 66 21.54 7.26 -20.71
CA ALA A 66 21.41 5.87 -21.11
C ALA A 66 22.45 5.55 -22.18
N GLU A 67 22.70 4.27 -22.41
CA GLU A 67 23.56 3.85 -23.52
C GLU A 67 22.89 4.16 -24.87
N ARG A 68 21.56 4.02 -24.89
CA ARG A 68 20.75 4.30 -26.07
C ARG A 68 20.55 5.80 -26.28
N LYS A 69 20.87 6.26 -27.49
CA LYS A 69 20.73 7.67 -27.84
C LYS A 69 19.28 8.17 -27.73
N GLY A 70 19.11 9.34 -27.13
CA GLY A 70 17.80 10.00 -27.05
C GLY A 70 16.75 9.30 -26.20
N TYR A 71 17.21 8.50 -25.25
CA TYR A 71 16.33 7.65 -24.46
C TYR A 71 16.66 7.81 -22.97
N SER A 72 15.62 7.97 -22.15
CA SER A 72 15.75 7.90 -20.69
C SER A 72 16.81 8.93 -20.24
N GLY A 73 17.64 8.58 -19.25
CA GLY A 73 18.65 9.52 -18.73
C GLY A 73 18.12 10.28 -17.52
N VAL A 74 18.98 10.45 -16.52
CA VAL A 74 18.64 11.28 -15.35
C VAL A 74 19.74 12.32 -15.11
N ALA A 75 19.43 13.37 -14.35
CA ALA A 75 20.42 14.40 -14.04
C ALA A 75 20.13 15.01 -12.69
N MET A 76 21.13 15.67 -12.12
CA MET A 76 20.97 16.34 -10.83
C MET A 76 21.75 17.65 -10.84
N TYR A 77 21.07 18.74 -10.50
CA TYR A 77 21.73 20.03 -10.26
C TYR A 77 21.73 20.25 -8.76
N THR A 78 22.88 20.59 -8.21
CA THR A 78 22.98 20.79 -6.78
C THR A 78 23.93 21.93 -6.43
N LYS A 79 23.52 22.77 -5.49
CA LYS A 79 24.38 23.87 -5.03
C LYS A 79 25.63 23.35 -4.32
N VAL A 80 25.45 22.32 -3.51
CA VAL A 80 26.55 21.67 -2.81
C VAL A 80 26.71 20.29 -3.45
N PRO A 81 27.93 19.97 -3.91
CA PRO A 81 28.11 18.67 -4.56
C PRO A 81 28.09 17.51 -3.56
N PRO A 82 27.64 16.32 -4.01
CA PRO A 82 27.72 15.13 -3.18
C PRO A 82 29.17 14.62 -3.13
N SER A 83 29.51 13.79 -2.15
CA SER A 83 30.89 13.27 -2.06
C SER A 83 31.22 12.38 -3.26
N SER A 84 30.20 11.73 -3.82
CA SER A 84 30.24 11.01 -5.10
C SER A 84 28.84 10.57 -5.45
N LEU A 85 28.67 10.05 -6.66
CA LEU A 85 27.40 9.48 -7.08
C LEU A 85 27.62 8.07 -7.61
N ARG A 86 26.60 7.25 -7.42
CA ARG A 86 26.60 5.87 -7.86
C ARG A 86 25.51 5.75 -8.92
N GLU A 87 25.81 5.05 -10.01
CA GLU A 87 24.90 5.04 -11.16
C GLU A 87 24.31 3.65 -11.46
N GLY A 88 24.30 2.78 -10.46
CA GLY A 88 23.74 1.45 -10.66
C GLY A 88 23.56 0.64 -9.41
N PHE A 89 22.82 -0.45 -9.53
CA PHE A 89 22.58 -1.38 -8.43
C PHE A 89 23.61 -2.50 -8.43
N GLY A 90 24.40 -2.58 -9.48
CA GLY A 90 25.37 -3.66 -9.66
C GLY A 90 24.79 -4.80 -10.48
N VAL A 91 23.77 -4.49 -11.28
CA VAL A 91 23.14 -5.45 -12.19
C VAL A 91 23.11 -4.83 -13.59
N GLU A 92 23.85 -5.43 -14.52
CA GLU A 92 24.07 -4.83 -15.85
C GLU A 92 22.80 -4.33 -16.57
N ARG A 93 21.78 -5.18 -16.67
CA ARG A 93 20.58 -4.80 -17.43
C ARG A 93 19.80 -3.62 -16.83
N PHE A 94 19.98 -3.36 -15.53
CA PHE A 94 19.33 -2.24 -14.86
C PHE A 94 20.18 -0.97 -14.87
N ASP A 95 21.48 -1.16 -15.11
CA ASP A 95 22.46 -0.08 -14.92
C ASP A 95 22.85 0.66 -16.20
N THR A 96 22.38 0.19 -17.35
CA THR A 96 22.77 0.77 -18.63
C THR A 96 21.67 1.59 -19.31
N GLU A 97 20.60 1.89 -18.58
CA GLU A 97 19.46 2.58 -19.16
C GLU A 97 19.33 4.03 -18.68
N GLY A 98 20.37 4.57 -18.05
CA GLY A 98 20.35 5.94 -17.52
C GLY A 98 19.18 6.20 -16.58
N ARG A 99 18.92 5.24 -15.68
CA ARG A 99 17.77 5.33 -14.78
C ARG A 99 18.15 5.62 -13.34
N ILE A 100 19.43 5.50 -13.02
CA ILE A 100 19.86 5.46 -11.62
C ILE A 100 20.97 6.45 -11.30
N GLN A 101 20.70 7.34 -10.35
CA GLN A 101 21.71 8.27 -9.88
C GLN A 101 21.55 8.41 -8.39
N ILE A 102 22.54 7.94 -7.62
CA ILE A 102 22.43 7.91 -6.17
C ILE A 102 23.53 8.77 -5.57
N ALA A 103 23.15 9.94 -5.07
CA ALA A 103 24.12 10.94 -4.58
C ALA A 103 24.35 10.85 -3.08
N ASP A 104 25.62 10.82 -2.68
CA ASP A 104 25.95 10.71 -1.27
C ASP A 104 26.14 12.09 -0.65
N PHE A 105 25.13 12.56 0.07
CA PHE A 105 25.20 13.88 0.70
C PHE A 105 25.60 13.83 2.19
N ASP A 106 26.03 12.67 2.68
CA ASP A 106 26.53 12.56 4.06
C ASP A 106 25.38 12.39 5.06
N ASP A 107 24.55 13.42 5.20
CA ASP A 107 23.35 13.31 6.04
C ASP A 107 22.33 12.31 5.45
N PHE A 108 22.41 12.11 4.13
CA PHE A 108 21.51 11.17 3.46
C PHE A 108 22.05 10.82 2.09
N LEU A 109 21.58 9.69 1.58
CA LEU A 109 21.74 9.35 0.18
C LEU A 109 20.50 9.85 -0.53
N LEU A 110 20.68 10.46 -1.68
CA LEU A 110 19.55 10.88 -2.51
C LEU A 110 19.49 10.00 -3.74
N TYR A 111 18.46 9.15 -3.82
CA TYR A 111 18.23 8.29 -4.97
C TYR A 111 17.36 9.05 -5.96
N ASN A 112 17.91 9.34 -7.13
CA ASN A 112 17.16 9.96 -8.21
C ASN A 112 16.91 8.87 -9.25
N ILE A 113 15.70 8.34 -9.29
CA ILE A 113 15.40 7.16 -10.11
C ILE A 113 14.31 7.40 -11.15
N TYR A 114 14.57 6.94 -12.37
CA TYR A 114 13.54 6.91 -13.39
C TYR A 114 13.13 5.44 -13.58
N PHE A 115 12.08 5.04 -12.85
CA PHE A 115 11.63 3.65 -12.90
C PHE A 115 11.02 3.33 -14.26
N PRO A 116 11.19 2.08 -14.75
CA PRO A 116 10.72 1.68 -16.09
C PRO A 116 9.21 1.73 -16.29
N ASN A 117 8.80 2.08 -17.51
CA ASN A 117 7.42 2.02 -17.98
C ASN A 117 7.14 0.57 -18.39
N GLY A 118 6.06 -0.01 -17.88
CA GLY A 118 5.76 -1.43 -18.15
C GLY A 118 4.66 -1.67 -19.18
N LYS A 119 4.17 -0.60 -19.81
CA LYS A 119 3.00 -0.66 -20.69
C LYS A 119 3.22 -1.31 -22.05
N MET A 120 4.43 -1.24 -22.58
CA MET A 120 4.61 -1.60 -24.00
C MET A 120 4.64 -3.10 -24.30
N SER A 121 5.02 -3.92 -23.33
CA SER A 121 5.08 -5.38 -23.51
C SER A 121 5.17 -6.13 -22.19
N GLU A 122 4.88 -7.42 -22.23
CA GLU A 122 5.04 -8.29 -21.06
C GLU A 122 6.49 -8.34 -20.58
N GLU A 123 7.42 -8.32 -21.54
N GLU A 123 7.42 -8.32 -21.53
CA GLU A 123 8.84 -8.36 -21.24
CA GLU A 123 8.85 -8.37 -21.22
C GLU A 123 9.29 -7.11 -20.48
C GLU A 123 9.32 -7.10 -20.50
N ARG A 124 8.77 -5.95 -20.88
CA ARG A 124 9.09 -4.69 -20.20
C ARG A 124 8.38 -4.56 -18.85
N LEU A 125 7.22 -5.20 -18.71
CA LEU A 125 6.56 -5.24 -17.40
C LEU A 125 7.40 -6.07 -16.43
N LYS A 126 7.89 -7.21 -16.91
CA LYS A 126 8.79 -8.06 -16.14
C LYS A 126 10.06 -7.28 -15.75
N TYR A 127 10.61 -6.53 -16.71
CA TYR A 127 11.79 -5.69 -16.47
C TYR A 127 11.50 -4.67 -15.36
N LYS A 128 10.34 -4.01 -15.45
CA LYS A 128 9.92 -3.05 -14.42
C LYS A 128 9.87 -3.67 -13.03
N LEU A 129 9.22 -4.83 -12.93
CA LEU A 129 9.03 -5.51 -11.67
C LEU A 129 10.35 -6.01 -11.08
N GLU A 130 11.26 -6.47 -11.95
CA GLU A 130 12.57 -6.92 -11.48
C GLU A 130 13.46 -5.74 -11.08
N PHE A 131 13.30 -4.62 -11.77
CA PHE A 131 13.96 -3.36 -11.40
C PHE A 131 13.50 -2.91 -10.01
N TYR A 132 12.19 -2.95 -9.77
CA TYR A 132 11.62 -2.67 -8.45
C TYR A 132 12.29 -3.53 -7.38
N ASP A 133 12.42 -4.83 -7.66
CA ASP A 133 13.04 -5.78 -6.74
C ASP A 133 14.50 -5.41 -6.44
N ALA A 134 15.26 -5.09 -7.48
CA ALA A 134 16.66 -4.70 -7.32
C ALA A 134 16.81 -3.41 -6.53
N PHE A 135 16.00 -2.40 -6.87
CA PHE A 135 15.93 -1.16 -6.10
C PHE A 135 15.68 -1.41 -4.61
N LEU A 136 14.66 -2.21 -4.27
CA LEU A 136 14.35 -2.45 -2.86
C LEU A 136 15.52 -3.10 -2.11
N GLU A 137 16.15 -4.10 -2.72
CA GLU A 137 17.38 -4.70 -2.18
C GLU A 137 18.44 -3.65 -1.92
N ASP A 138 18.62 -2.75 -2.89
CA ASP A 138 19.66 -1.71 -2.79
C ASP A 138 19.39 -0.73 -1.65
N VAL A 139 18.19 -0.15 -1.63
CA VAL A 139 17.84 0.81 -0.59
C VAL A 139 17.85 0.17 0.80
N ASN A 140 17.32 -1.04 0.91
CA ASN A 140 17.36 -1.78 2.19
C ASN A 140 18.79 -1.99 2.70
N ARG A 141 19.70 -2.37 1.80
CA ARG A 141 21.11 -2.55 2.16
C ARG A 141 21.68 -1.26 2.74
N GLU A 142 21.44 -0.14 2.06
CA GLU A 142 21.95 1.14 2.51
C GLU A 142 21.32 1.57 3.83
N ARG A 143 19.99 1.46 3.92
CA ARG A 143 19.26 1.81 5.14
C ARG A 143 19.71 0.94 6.31
N ASP A 144 19.83 -0.37 6.07
CA ASP A 144 20.30 -1.31 7.10
C ASP A 144 21.71 -1.02 7.61
N SER A 145 22.55 -0.45 6.74
CA SER A 145 23.92 -0.03 7.09
C SER A 145 23.95 1.26 7.92
N GLY A 146 22.80 1.89 8.07
CA GLY A 146 22.64 3.07 8.92
C GLY A 146 22.48 4.39 8.19
N ARG A 147 22.26 4.36 6.88
CA ARG A 147 22.08 5.60 6.10
C ARG A 147 20.63 6.04 6.11
N ASN A 148 20.41 7.34 6.28
CA ASN A 148 19.10 7.91 5.95
C ASN A 148 19.05 8.06 4.44
N VAL A 149 17.86 7.88 3.87
CA VAL A 149 17.72 7.86 2.42
C VAL A 149 16.53 8.71 1.97
N ILE A 150 16.71 9.46 0.89
CA ILE A 150 15.59 10.14 0.24
C ILE A 150 15.51 9.55 -1.15
N ILE A 151 14.31 9.14 -1.57
CA ILE A 151 14.15 8.55 -2.90
C ILE A 151 13.16 9.39 -3.67
N CYS A 152 13.57 9.94 -4.80
CA CYS A 152 12.61 10.66 -5.62
C CYS A 152 12.63 10.18 -7.05
N GLY A 153 11.53 10.40 -7.75
CA GLY A 153 11.52 10.21 -9.17
C GLY A 153 10.20 9.66 -9.63
N ASP A 154 10.20 9.17 -10.86
CA ASP A 154 9.03 8.67 -11.53
C ASP A 154 8.97 7.16 -11.28
N PHE A 155 8.08 6.75 -10.38
CA PHE A 155 7.86 5.34 -10.06
C PHE A 155 7.00 4.62 -11.10
N ASN A 156 6.33 5.39 -11.95
CA ASN A 156 5.48 4.85 -13.02
C ASN A 156 4.34 3.94 -12.53
N THR A 157 3.96 4.11 -11.26
CA THR A 157 2.83 3.39 -10.67
C THR A 157 2.08 4.34 -9.73
N ALA A 158 0.75 4.34 -9.83
CA ALA A 158 -0.10 5.02 -8.85
C ALA A 158 -0.42 4.03 -7.72
N HIS A 159 -0.25 4.47 -6.47
CA HIS A 159 -0.33 3.55 -5.33
C HIS A 159 -1.74 3.05 -5.00
N ARG A 160 -2.66 3.98 -4.80
CA ARG A 160 -4.03 3.68 -4.35
C ARG A 160 -5.03 4.32 -5.29
N GLU A 161 -6.32 4.02 -5.12
CA GLU A 161 -7.35 4.55 -6.01
C GLU A 161 -7.36 6.08 -6.03
N ILE A 162 -7.04 6.69 -4.89
CA ILE A 162 -6.96 8.15 -4.75
C ILE A 162 -5.91 8.77 -5.68
N ASP A 163 -4.95 7.96 -6.10
CA ASP A 163 -3.78 8.44 -6.85
C ASP A 163 -3.94 8.53 -8.37
N LEU A 164 -5.13 8.27 -8.89
CA LEU A 164 -5.40 8.49 -10.32
C LEU A 164 -6.88 8.78 -10.55
N ALA A 165 -7.18 9.41 -11.68
CA ALA A 165 -8.54 9.82 -12.01
C ALA A 165 -9.44 8.63 -12.38
N ARG A 166 -8.86 7.61 -12.99
CA ARG A 166 -9.68 6.53 -13.54
C ARG A 166 -9.19 5.15 -13.07
N PRO A 167 -9.33 4.86 -11.75
CA PRO A 167 -8.80 3.60 -11.22
C PRO A 167 -9.44 2.35 -11.83
N LYS A 168 -10.75 2.33 -12.00
CA LYS A 168 -11.41 1.14 -12.53
C LYS A 168 -10.90 0.81 -13.93
N GLU A 169 -10.85 1.84 -14.78
CA GLU A 169 -10.47 1.68 -16.18
C GLU A 169 -9.00 1.28 -16.36
N ASN A 170 -8.18 1.51 -15.35
CA ASN A 170 -6.75 1.22 -15.44
C ASN A 170 -6.25 0.04 -14.61
N SER A 171 -7.16 -0.71 -14.01
CA SER A 171 -6.78 -1.84 -13.15
C SER A 171 -6.12 -3.01 -13.91
N ASN A 172 -6.25 -3.01 -15.24
CA ASN A 172 -5.53 -3.98 -16.08
C ASN A 172 -4.51 -3.31 -17.03
N VAL A 173 -4.04 -2.13 -16.64
CA VAL A 173 -3.03 -1.38 -17.39
C VAL A 173 -1.81 -1.15 -16.48
N SER A 174 -0.62 -1.41 -16.99
CA SER A 174 0.61 -1.16 -16.22
C SER A 174 0.62 0.29 -15.79
N GLY A 175 0.89 0.50 -14.51
CA GLY A 175 0.71 1.79 -13.86
C GLY A 175 -0.29 1.65 -12.73
N PHE A 176 -1.21 0.69 -12.85
CA PHE A 176 -2.18 0.44 -11.77
C PHE A 176 -2.58 -1.04 -11.66
N LEU A 177 -1.66 -1.93 -12.03
CA LEU A 177 -1.89 -3.36 -11.88
C LEU A 177 -1.80 -3.75 -10.41
N PRO A 178 -2.60 -4.74 -9.98
CA PRO A 178 -2.47 -5.24 -8.61
C PRO A 178 -1.03 -5.57 -8.23
N VAL A 179 -0.25 -6.16 -9.13
CA VAL A 179 1.12 -6.59 -8.81
C VAL A 179 2.04 -5.38 -8.53
N GLU A 180 1.80 -4.28 -9.23
CA GLU A 180 2.62 -3.08 -9.09
C GLU A 180 2.25 -2.34 -7.82
N ARG A 181 0.95 -2.21 -7.57
CA ARG A 181 0.45 -1.60 -6.33
C ARG A 181 0.94 -2.36 -5.10
N ALA A 182 0.95 -3.69 -5.22
CA ALA A 182 1.49 -4.55 -4.16
C ALA A 182 2.96 -4.29 -3.92
N TRP A 183 3.73 -4.00 -4.96
CA TRP A 183 5.14 -3.69 -4.75
C TRP A 183 5.27 -2.39 -3.95
N ILE A 184 4.51 -1.35 -4.30
CA ILE A 184 4.56 -0.11 -3.51
C ILE A 184 4.20 -0.36 -2.03
N ASP A 185 3.16 -1.16 -1.80
CA ASP A 185 2.82 -1.58 -0.43
C ASP A 185 4.02 -2.21 0.28
N LYS A 186 4.68 -3.14 -0.41
CA LYS A 186 5.82 -3.88 0.15
C LYS A 186 6.98 -2.92 0.46
N PHE A 187 7.29 -2.05 -0.48
CA PHE A 187 8.32 -1.02 -0.30
C PHE A 187 8.07 -0.25 1.01
N ILE A 188 6.88 0.32 1.15
CA ILE A 188 6.52 1.09 2.35
C ILE A 188 6.59 0.25 3.63
N GLU A 189 6.05 -0.96 3.56
CA GLU A 189 6.07 -1.89 4.69
C GLU A 189 7.50 -2.16 5.19
N ASN A 190 8.46 -2.12 4.27
CA ASN A 190 9.89 -2.27 4.61
C ASN A 190 10.50 -1.06 5.34
N GLY A 191 9.70 -0.03 5.60
CA GLY A 191 10.09 1.06 6.51
C GLY A 191 10.37 2.39 5.84
N TYR A 192 9.57 2.72 4.83
CA TYR A 192 9.71 3.96 4.06
C TYR A 192 8.36 4.65 4.01
N VAL A 193 8.37 5.96 3.79
CA VAL A 193 7.15 6.77 3.88
C VAL A 193 6.95 7.57 2.61
N ASP A 194 5.73 7.49 2.05
CA ASP A 194 5.27 8.35 0.95
C ASP A 194 5.03 9.74 1.54
N THR A 195 6.01 10.64 1.35
CA THR A 195 6.01 11.91 2.08
C THR A 195 4.83 12.83 1.76
N PHE A 196 4.38 12.80 0.50
CA PHE A 196 3.24 13.63 0.12
C PHE A 196 2.02 13.35 0.99
N ARG A 197 1.80 12.07 1.29
CA ARG A 197 0.64 11.64 2.07
C ARG A 197 0.80 11.82 3.58
N MET A 198 1.98 12.24 4.02
CA MET A 198 2.14 12.73 5.39
C MET A 198 1.41 14.04 5.56
N PHE A 199 1.30 14.82 4.48
CA PHE A 199 0.79 16.18 4.56
C PHE A 199 -0.53 16.42 3.84
N ASN A 200 -0.82 15.60 2.84
CA ASN A 200 -1.98 15.87 1.98
C ASN A 200 -2.74 14.57 1.75
N SER A 201 -4.01 14.53 2.19
CA SER A 201 -4.83 13.33 2.01
C SER A 201 -5.95 13.53 0.97
N ASP A 202 -5.78 14.53 0.10
CA ASP A 202 -6.83 14.88 -0.89
C ASP A 202 -6.75 14.09 -2.18
N PRO A 203 -7.93 13.86 -2.82
CA PRO A 203 -7.92 13.30 -4.17
C PRO A 203 -7.54 14.37 -5.18
N GLY A 204 -7.43 13.99 -6.45
CA GLY A 204 -7.16 14.96 -7.52
C GLY A 204 -5.73 15.46 -7.58
N GLN A 205 -4.85 14.86 -6.79
CA GLN A 205 -3.48 15.33 -6.68
C GLN A 205 -2.59 14.44 -7.53
N TYR A 206 -2.29 14.88 -8.75
CA TYR A 206 -1.58 14.06 -9.72
C TYR A 206 -0.29 14.76 -10.14
N THR A 207 0.60 14.02 -10.79
CA THR A 207 1.88 14.58 -11.23
C THR A 207 2.09 14.36 -12.72
N SER A 208 1.12 13.69 -13.37
CA SER A 208 1.28 13.27 -14.76
C SER A 208 -0.07 13.17 -15.47
N TRP A 209 -0.13 13.64 -16.72
CA TRP A 209 -1.35 13.64 -17.52
C TRP A 209 -0.96 13.34 -18.96
N SER A 210 -1.75 12.53 -19.66
CA SER A 210 -1.50 12.31 -21.09
C SER A 210 -1.55 13.61 -21.89
N TYR A 211 -0.84 13.65 -23.03
CA TYR A 211 -0.90 14.80 -23.94
C TYR A 211 -2.19 14.79 -24.79
N ARG A 212 -2.93 13.68 -24.70
CA ARG A 212 -4.25 13.52 -25.33
C ARG A 212 -5.10 14.73 -24.97
N THR A 213 -5.65 15.39 -25.99
CA THR A 213 -6.32 16.67 -25.81
C THR A 213 -7.20 16.65 -24.55
N ARG A 214 -7.09 17.72 -23.78
CA ARG A 214 -7.91 17.97 -22.59
C ARG A 214 -7.53 17.15 -21.34
N ALA A 215 -6.66 16.14 -21.44
CA ALA A 215 -6.35 15.32 -20.25
C ALA A 215 -5.91 16.18 -19.06
N ARG A 216 -4.89 17.01 -19.25
CA ARG A 216 -4.41 17.85 -18.15
C ARG A 216 -5.46 18.88 -17.71
N GLU A 217 -6.17 19.44 -18.68
CA GLU A 217 -7.20 20.44 -18.44
C GLU A 217 -8.40 19.84 -17.68
N ARG A 218 -8.65 18.55 -17.88
CA ARG A 218 -9.72 17.82 -17.18
C ARG A 218 -9.22 17.12 -15.92
N ASN A 219 -7.95 17.35 -15.58
CA ASN A 219 -7.30 16.68 -14.45
C ASN A 219 -7.46 15.17 -14.49
N VAL A 220 -7.38 14.60 -15.69
CA VAL A 220 -7.38 13.14 -15.83
C VAL A 220 -5.92 12.73 -15.76
N GLY A 221 -5.44 12.54 -14.54
CA GLY A 221 -4.02 12.31 -14.28
C GLY A 221 -3.76 11.15 -13.34
N TRP A 222 -2.48 10.99 -13.01
CA TRP A 222 -1.97 9.92 -12.17
C TRP A 222 -0.88 10.54 -11.30
N ARG A 223 -0.80 10.12 -10.04
CA ARG A 223 0.37 10.46 -9.21
C ARG A 223 1.44 9.37 -9.40
N LEU A 224 2.43 9.67 -10.23
CA LEU A 224 3.49 8.71 -10.61
C LEU A 224 4.82 9.07 -10.00
N ASP A 225 4.92 10.30 -9.52
CA ASP A 225 6.16 10.87 -9.01
C ASP A 225 6.05 11.04 -7.52
N TYR A 226 7.06 10.59 -6.78
CA TYR A 226 7.00 10.54 -5.32
C TYR A 226 8.33 11.00 -4.71
N PHE A 227 8.26 11.46 -3.46
CA PHE A 227 9.43 11.52 -2.58
C PHE A 227 9.18 10.55 -1.44
N PHE A 228 10.06 9.56 -1.28
CA PHE A 228 10.02 8.64 -0.14
C PHE A 228 11.22 8.91 0.77
N VAL A 229 11.03 8.73 2.09
CA VAL A 229 12.16 8.72 3.04
C VAL A 229 12.05 7.49 3.95
N ASN A 230 13.17 7.03 4.49
CA ASN A 230 13.10 5.98 5.53
C ASN A 230 12.40 6.56 6.75
N GLU A 231 11.69 5.70 7.49
CA GLU A 231 10.95 6.10 8.69
C GLU A 231 11.75 6.90 9.71
N GLU A 232 13.00 6.50 9.94
CA GLU A 232 13.84 7.15 10.94
C GLU A 232 14.11 8.62 10.63
N PHE A 233 13.93 8.99 9.37
CA PHE A 233 14.28 10.32 8.84
C PHE A 233 13.07 11.23 8.67
N LYS A 234 11.86 10.68 8.78
CA LYS A 234 10.64 11.44 8.42
C LYS A 234 10.38 12.69 9.26
N GLY A 235 10.89 12.69 10.49
CA GLY A 235 10.78 13.86 11.37
C GLY A 235 11.45 15.11 10.83
N LYS A 236 12.39 14.94 9.89
CA LYS A 236 13.11 16.06 9.29
C LYS A 236 12.34 16.65 8.11
N VAL A 237 11.32 15.95 7.63
CA VAL A 237 10.54 16.41 6.48
C VAL A 237 9.52 17.46 6.92
N LYS A 238 9.59 18.63 6.31
CA LYS A 238 8.71 19.74 6.68
C LYS A 238 7.57 19.98 5.69
N ARG A 239 7.86 19.77 4.41
CA ARG A 239 6.86 19.93 3.34
C ARG A 239 7.08 18.87 2.27
N SER A 240 5.99 18.46 1.63
CA SER A 240 6.05 17.63 0.44
C SER A 240 4.82 17.97 -0.38
N TRP A 241 5.05 18.51 -1.58
CA TRP A 241 3.96 19.09 -2.38
C TRP A 241 4.15 18.89 -3.88
N ILE A 242 3.10 19.17 -4.64
CA ILE A 242 3.16 19.01 -6.10
C ILE A 242 3.11 20.40 -6.72
N LEU A 243 4.00 20.67 -7.68
CA LEU A 243 4.04 21.96 -8.38
C LEU A 243 3.16 21.88 -9.63
N SER A 244 1.85 21.75 -9.40
CA SER A 244 0.88 21.36 -10.42
C SER A 244 0.76 22.34 -11.58
N ASP A 245 1.16 23.58 -11.29
N ASP A 245 1.10 23.60 -11.36
CA ASP A 245 1.03 24.75 -12.14
CA ASP A 245 0.88 24.59 -12.42
C ASP A 245 2.15 24.90 -13.18
C ASP A 245 2.05 24.70 -13.39
N VAL A 246 3.18 24.07 -13.05
CA VAL A 246 4.39 24.20 -13.88
C VAL A 246 4.26 23.34 -15.13
N MET A 247 4.36 24.00 -16.28
CA MET A 247 4.12 23.38 -17.58
C MET A 247 5.43 22.99 -18.24
N GLY A 248 5.35 22.36 -19.41
CA GLY A 248 6.54 22.06 -20.21
C GLY A 248 6.86 20.58 -20.38
N SER A 249 6.12 19.73 -19.66
CA SER A 249 6.28 18.28 -19.76
C SER A 249 4.91 17.62 -19.56
N ASP A 250 4.83 16.31 -19.77
CA ASP A 250 3.62 15.56 -19.39
C ASP A 250 3.59 15.20 -17.90
N HIS A 251 4.70 15.50 -17.22
CA HIS A 251 4.72 15.47 -15.75
C HIS A 251 4.94 16.89 -15.24
N CYS A 252 4.50 17.15 -14.02
CA CYS A 252 4.85 18.39 -13.33
C CYS A 252 5.88 18.09 -12.23
N PRO A 253 6.62 19.11 -11.73
CA PRO A 253 7.57 18.83 -10.66
C PRO A 253 6.90 18.52 -9.33
N ILE A 254 7.65 17.88 -8.43
CA ILE A 254 7.24 17.70 -7.05
C ILE A 254 8.35 18.25 -6.16
N GLY A 255 8.00 18.61 -4.93
CA GLY A 255 8.94 19.26 -4.01
C GLY A 255 9.00 18.62 -2.64
N LEU A 256 10.19 18.69 -2.04
CA LEU A 256 10.38 18.26 -0.66
C LEU A 256 11.16 19.35 0.05
N GLU A 257 10.79 19.67 1.28
CA GLU A 257 11.60 20.54 2.13
C GLU A 257 11.95 19.77 3.38
N ILE A 258 13.24 19.70 3.68
CA ILE A 258 13.72 19.05 4.89
C ILE A 258 14.57 20.02 5.70
N GLU A 259 14.61 19.79 7.00
CA GLU A 259 15.54 20.54 7.85
C GLU A 259 16.30 19.59 8.78
N LEU A 260 17.62 19.63 8.63
CA LEU A 260 18.51 18.70 9.31
C LEU A 260 19.04 19.30 10.62
N THR B 5 -16.40 -19.48 32.06
CA THR B 5 -15.55 -18.25 31.95
C THR B 5 -15.70 -17.60 30.57
N VAL B 6 -15.46 -16.29 30.52
CA VAL B 6 -15.54 -15.52 29.27
C VAL B 6 -14.22 -15.60 28.52
N LEU B 7 -14.31 -15.86 27.21
CA LEU B 7 -13.17 -15.82 26.31
C LEU B 7 -13.35 -14.64 25.38
N LYS B 8 -12.34 -13.79 25.28
CA LYS B 8 -12.39 -12.63 24.40
C LYS B 8 -11.51 -12.81 23.16
N ILE B 9 -12.14 -12.71 21.99
CA ILE B 9 -11.45 -12.83 20.71
C ILE B 9 -11.52 -11.48 20.00
N ILE B 10 -10.37 -11.00 19.52
CA ILE B 10 -10.30 -9.76 18.74
C ILE B 10 -9.86 -10.10 17.32
N SER B 11 -10.46 -9.43 16.33
CA SER B 11 -10.05 -9.56 14.94
C SER B 11 -9.68 -8.19 14.43
N TRP B 12 -8.59 -8.09 13.68
CA TRP B 12 -8.12 -6.79 13.20
C TRP B 12 -7.32 -6.91 11.92
N ASN B 13 -7.78 -6.24 10.87
CA ASN B 13 -7.00 -6.07 9.67
C ASN B 13 -6.09 -4.88 9.93
N VAL B 14 -4.81 -5.17 10.10
CA VAL B 14 -3.83 -4.16 10.51
C VAL B 14 -3.14 -3.44 9.35
N ASN B 15 -3.40 -3.88 8.11
CA ASN B 15 -2.82 -3.26 6.90
C ASN B 15 -1.28 -3.27 6.95
N GLY B 16 -0.71 -4.34 7.48
CA GLY B 16 0.73 -4.46 7.69
C GLY B 16 1.06 -4.51 9.16
N LEU B 17 1.68 -5.61 9.59
CA LEU B 17 2.01 -5.77 11.01
C LEU B 17 3.20 -4.89 11.42
N ARG B 18 4.27 -4.91 10.63
CA ARG B 18 5.37 -3.97 10.86
C ARG B 18 4.86 -2.53 10.84
N ALA B 19 3.90 -2.26 9.94
CA ALA B 19 3.31 -0.93 9.82
C ALA B 19 2.59 -0.48 11.10
N VAL B 20 1.73 -1.35 11.64
CA VAL B 20 0.91 -1.02 12.80
C VAL B 20 1.77 -0.94 14.07
N HIS B 21 2.85 -1.72 14.07
CA HIS B 21 3.86 -1.70 15.15
C HIS B 21 4.47 -0.30 15.33
N ARG B 22 4.55 0.46 14.24
CA ARG B 22 5.03 1.85 14.28
C ARG B 22 3.95 2.83 14.72
N LYS B 23 2.73 2.34 14.90
CA LYS B 23 1.59 3.19 15.27
C LYS B 23 0.87 2.69 16.52
N GLY B 24 1.64 2.15 17.47
CA GLY B 24 1.14 1.80 18.81
C GLY B 24 0.48 0.45 19.00
N PHE B 25 0.77 -0.51 18.10
CA PHE B 25 0.16 -1.84 18.18
C PHE B 25 0.36 -2.56 19.51
N LEU B 26 1.62 -2.71 19.92
CA LEU B 26 1.96 -3.47 21.14
C LEU B 26 1.40 -2.84 22.41
N LYS B 27 1.36 -1.52 22.44
CA LYS B 27 0.75 -0.80 23.56
C LYS B 27 -0.74 -1.13 23.68
N TRP B 28 -1.43 -1.12 22.54
CA TRP B 28 -2.86 -1.47 22.49
C TRP B 28 -3.10 -2.92 22.91
N PHE B 29 -2.29 -3.83 22.37
CA PHE B 29 -2.39 -5.26 22.62
C PHE B 29 -2.29 -5.54 24.12
N MET B 30 -1.38 -4.84 24.79
CA MET B 30 -1.23 -4.92 26.24
C MET B 30 -2.40 -4.34 27.03
N GLU B 31 -3.03 -3.31 26.48
CA GLU B 31 -4.20 -2.68 27.14
C GLU B 31 -5.46 -3.53 26.99
N GLU B 32 -5.58 -4.24 25.88
CA GLU B 32 -6.79 -4.99 25.55
C GLU B 32 -6.80 -6.40 26.13
N LYS B 33 -5.63 -7.02 26.20
CA LYS B 33 -5.43 -8.39 26.72
C LYS B 33 -6.50 -9.40 26.27
N PRO B 34 -6.65 -9.63 24.95
CA PRO B 34 -7.62 -10.65 24.55
C PRO B 34 -7.06 -12.05 24.75
N ASP B 35 -7.93 -13.06 24.79
CA ASP B 35 -7.47 -14.45 24.88
C ASP B 35 -6.95 -14.95 23.54
N ILE B 36 -7.55 -14.43 22.46
CA ILE B 36 -7.12 -14.75 21.11
C ILE B 36 -7.13 -13.47 20.27
N LEU B 37 -6.03 -13.22 19.57
CA LEU B 37 -5.96 -12.12 18.62
C LEU B 37 -5.77 -12.66 17.20
N CYS B 38 -6.74 -12.39 16.35
CA CYS B 38 -6.67 -12.76 14.95
C CYS B 38 -6.32 -11.53 14.14
N LEU B 39 -5.24 -11.63 13.36
CA LEU B 39 -4.81 -10.51 12.53
C LEU B 39 -4.89 -10.84 11.06
N GLN B 40 -5.32 -9.85 10.26
CA GLN B 40 -5.27 -10.00 8.81
C GLN B 40 -4.35 -8.98 8.16
N GLU B 41 -3.78 -9.38 7.04
CA GLU B 41 -2.84 -8.59 6.25
C GLU B 41 -1.59 -8.21 7.04
N ILE B 42 -0.81 -9.23 7.38
CA ILE B 42 0.46 -9.10 8.08
C ILE B 42 1.56 -8.49 7.18
N LYS B 43 1.55 -8.86 5.90
CA LYS B 43 2.52 -8.36 4.91
C LYS B 43 3.98 -8.64 5.30
N ALA B 44 4.22 -9.81 5.90
CA ALA B 44 5.57 -10.18 6.35
C ALA B 44 5.70 -11.67 6.64
N ALA B 45 6.89 -12.21 6.35
CA ALA B 45 7.28 -13.52 6.89
C ALA B 45 7.73 -13.28 8.33
N PRO B 46 7.51 -14.28 9.21
CA PRO B 46 7.81 -14.09 10.65
C PRO B 46 9.25 -13.63 10.95
N GLU B 47 10.22 -14.07 10.14
CA GLU B 47 11.62 -13.68 10.34
C GLU B 47 11.92 -12.20 9.99
N GLN B 48 10.95 -11.52 9.37
CA GLN B 48 11.07 -10.09 9.07
C GLN B 48 10.54 -9.24 10.22
N LEU B 49 9.99 -9.90 11.24
CA LEU B 49 9.38 -9.19 12.36
C LEU B 49 10.37 -9.00 13.49
N PRO B 50 10.36 -7.82 14.13
CA PRO B 50 11.11 -7.58 15.35
C PRO B 50 10.68 -8.57 16.43
N ARG B 51 11.64 -9.06 17.21
CA ARG B 51 11.41 -10.11 18.21
C ARG B 51 10.20 -9.83 19.11
N LYS B 52 10.11 -8.60 19.62
CA LYS B 52 9.04 -8.23 20.57
C LYS B 52 7.66 -8.07 19.90
N LEU B 53 7.64 -8.20 18.58
CA LEU B 53 6.40 -8.20 17.81
C LEU B 53 6.06 -9.64 17.44
N ARG B 54 7.09 -10.44 17.17
CA ARG B 54 6.92 -11.84 16.81
C ARG B 54 6.49 -12.69 18.01
N HIS B 55 7.14 -12.45 19.16
CA HIS B 55 6.82 -13.15 20.40
C HIS B 55 6.35 -12.15 21.45
N VAL B 56 5.09 -12.30 21.86
CA VAL B 56 4.49 -11.39 22.84
C VAL B 56 4.30 -12.12 24.16
N GLU B 57 4.72 -11.48 25.26
CA GLU B 57 4.60 -11.99 26.62
C GLU B 57 3.23 -12.61 26.90
N GLY B 58 3.23 -13.91 27.21
CA GLY B 58 2.01 -14.62 27.61
C GLY B 58 1.23 -15.26 26.46
N TYR B 59 1.67 -15.01 25.23
CA TYR B 59 0.97 -15.50 24.05
C TYR B 59 1.81 -16.44 23.21
N ARG B 60 1.14 -17.40 22.57
CA ARG B 60 1.72 -18.19 21.52
C ARG B 60 1.30 -17.58 20.19
N SER B 61 2.22 -17.50 19.23
CA SER B 61 1.94 -16.85 17.95
C SER B 61 2.03 -17.80 16.76
N PHE B 62 1.09 -17.68 15.83
CA PHE B 62 1.06 -18.51 14.64
C PHE B 62 0.93 -17.61 13.42
N PHE B 63 1.89 -17.74 12.48
CA PHE B 63 1.92 -16.89 11.29
C PHE B 63 1.71 -17.70 10.04
N THR B 64 0.80 -17.24 9.20
CA THR B 64 0.51 -17.86 7.92
C THR B 64 0.71 -16.83 6.81
N PRO B 65 1.95 -16.68 6.33
CA PRO B 65 2.22 -15.69 5.30
C PRO B 65 1.85 -16.20 3.90
N ALA B 66 1.70 -15.29 2.96
CA ALA B 66 1.51 -15.64 1.56
C ALA B 66 2.83 -16.12 0.97
N GLU B 67 2.76 -16.79 -0.17
CA GLU B 67 3.96 -17.14 -0.93
C GLU B 67 4.65 -15.87 -1.47
N ARG B 68 3.85 -14.87 -1.85
CA ARG B 68 4.36 -13.56 -2.25
C ARG B 68 4.79 -12.77 -1.02
N LYS B 69 6.05 -12.34 -1.00
CA LYS B 69 6.61 -11.52 0.08
C LYS B 69 5.93 -10.16 0.20
N GLY B 70 5.63 -9.77 1.43
CA GLY B 70 5.12 -8.44 1.73
C GLY B 70 3.68 -8.23 1.29
N TYR B 71 2.96 -9.33 1.11
CA TYR B 71 1.59 -9.34 0.60
C TYR B 71 0.73 -10.21 1.49
N SER B 72 -0.49 -9.75 1.79
CA SER B 72 -1.48 -10.54 2.52
C SER B 72 -0.91 -11.15 3.80
N GLY B 73 -1.24 -12.42 4.10
CA GLY B 73 -0.77 -13.05 5.34
C GLY B 73 -1.70 -12.82 6.52
N VAL B 74 -1.85 -13.85 7.36
CA VAL B 74 -2.62 -13.75 8.58
C VAL B 74 -1.80 -14.23 9.79
N ALA B 75 -2.20 -13.82 10.99
CA ALA B 75 -1.54 -14.22 12.22
C ALA B 75 -2.57 -14.44 13.32
N MET B 76 -2.20 -15.26 14.31
CA MET B 76 -3.04 -15.50 15.48
C MET B 76 -2.17 -15.53 16.73
N TYR B 77 -2.52 -14.71 17.73
CA TYR B 77 -1.87 -14.74 19.03
C TYR B 77 -2.85 -15.34 20.04
N THR B 78 -2.45 -16.44 20.69
CA THR B 78 -3.33 -17.14 21.63
C THR B 78 -2.66 -17.42 22.98
N LYS B 79 -3.38 -17.17 24.07
CA LYS B 79 -2.92 -17.55 25.40
C LYS B 79 -2.90 -19.07 25.54
N VAL B 80 -3.99 -19.72 25.16
CA VAL B 80 -4.06 -21.17 25.14
C VAL B 80 -4.01 -21.64 23.69
N PRO B 81 -2.97 -22.43 23.34
CA PRO B 81 -2.75 -22.93 21.98
C PRO B 81 -3.88 -23.85 21.48
N PRO B 82 -4.11 -23.89 20.16
CA PRO B 82 -5.08 -24.83 19.61
C PRO B 82 -4.50 -26.24 19.49
N SER B 83 -5.38 -27.21 19.32
CA SER B 83 -4.99 -28.61 19.17
C SER B 83 -4.41 -28.86 17.80
N SER B 84 -4.87 -28.09 16.82
CA SER B 84 -4.33 -28.12 15.47
C SER B 84 -4.58 -26.77 14.79
N LEU B 85 -3.84 -26.53 13.71
CA LEU B 85 -4.00 -25.34 12.91
C LEU B 85 -3.94 -25.73 11.44
N ARG B 86 -5.05 -25.51 10.74
CA ARG B 86 -5.13 -25.80 9.31
C ARG B 86 -4.96 -24.48 8.59
N GLU B 87 -4.21 -24.49 7.50
CA GLU B 87 -3.86 -23.24 6.81
C GLU B 87 -4.36 -23.18 5.37
N GLY B 88 -5.41 -23.94 5.07
CA GLY B 88 -5.99 -23.91 3.73
C GLY B 88 -7.27 -24.69 3.58
N PHE B 89 -7.90 -24.58 2.41
CA PHE B 89 -9.12 -25.31 2.09
C PHE B 89 -8.84 -26.61 1.32
N GLY B 90 -7.58 -26.82 0.94
CA GLY B 90 -7.21 -27.95 0.09
C GLY B 90 -7.35 -27.65 -1.39
N VAL B 91 -7.35 -26.36 -1.72
CA VAL B 91 -7.38 -25.91 -3.12
C VAL B 91 -6.17 -25.00 -3.35
N GLU B 92 -5.31 -25.40 -4.29
CA GLU B 92 -4.02 -24.75 -4.51
C GLU B 92 -4.07 -23.21 -4.54
N ARG B 93 -4.85 -22.65 -5.46
CA ARG B 93 -4.84 -21.20 -5.69
C ARG B 93 -5.43 -20.37 -4.54
N PHE B 94 -6.14 -21.01 -3.62
CA PHE B 94 -6.72 -20.33 -2.47
C PHE B 94 -5.88 -20.43 -1.20
N ASP B 95 -4.91 -21.34 -1.20
CA ASP B 95 -4.17 -21.70 0.01
C ASP B 95 -2.78 -21.08 0.08
N THR B 96 -2.33 -20.47 -1.02
CA THR B 96 -0.96 -19.96 -1.14
C THR B 96 -0.86 -18.45 -0.93
N GLU B 97 -1.99 -17.82 -0.63
CA GLU B 97 -2.05 -16.36 -0.47
C GLU B 97 -2.07 -15.89 1.00
N GLY B 98 -1.82 -16.80 1.94
CA GLY B 98 -1.78 -16.47 3.36
C GLY B 98 -3.07 -15.85 3.88
N ARG B 99 -4.20 -16.41 3.47
CA ARG B 99 -5.52 -15.87 3.82
C ARG B 99 -6.27 -16.69 4.87
N ILE B 100 -5.77 -17.89 5.15
CA ILE B 100 -6.55 -18.87 5.93
C ILE B 100 -5.84 -19.43 7.15
N GLN B 101 -6.47 -19.26 8.32
CA GLN B 101 -6.14 -20.02 9.51
C GLN B 101 -7.41 -20.63 10.09
N ILE B 102 -7.37 -21.95 10.34
CA ILE B 102 -8.48 -22.66 10.97
C ILE B 102 -7.90 -23.38 12.17
N ALA B 103 -8.14 -22.81 13.35
CA ALA B 103 -7.59 -23.33 14.58
C ALA B 103 -8.64 -24.14 15.35
N ASP B 104 -8.29 -25.36 15.73
CA ASP B 104 -9.18 -26.20 16.51
C ASP B 104 -8.93 -25.98 18.01
N PHE B 105 -9.87 -25.28 18.65
CA PHE B 105 -9.84 -25.08 20.10
C PHE B 105 -10.78 -26.07 20.81
N ASP B 106 -11.13 -27.15 20.10
CA ASP B 106 -11.95 -28.27 20.61
C ASP B 106 -13.45 -27.95 20.75
N ASP B 107 -13.77 -26.99 21.60
CA ASP B 107 -15.13 -26.50 21.75
C ASP B 107 -15.65 -25.90 20.44
N PHE B 108 -14.73 -25.29 19.68
CA PHE B 108 -15.04 -24.68 18.39
C PHE B 108 -13.83 -24.65 17.46
N LEU B 109 -14.09 -24.52 16.16
CA LEU B 109 -13.05 -24.16 15.19
C LEU B 109 -13.09 -22.66 15.00
N LEU B 110 -11.92 -22.03 15.01
CA LEU B 110 -11.82 -20.59 14.75
C LEU B 110 -11.24 -20.34 13.36
N TYR B 111 -12.06 -19.75 12.50
CA TYR B 111 -11.66 -19.38 11.17
C TYR B 111 -11.19 -17.92 11.22
N ASN B 112 -9.91 -17.69 10.92
CA ASN B 112 -9.33 -16.35 10.78
C ASN B 112 -9.04 -16.15 9.31
N ILE B 113 -9.88 -15.37 8.66
CA ILE B 113 -9.85 -15.28 7.21
C ILE B 113 -9.67 -13.84 6.73
N TYR B 114 -8.70 -13.66 5.85
CA TYR B 114 -8.55 -12.42 5.10
C TYR B 114 -9.10 -12.64 3.70
N PHE B 115 -10.37 -12.29 3.50
CA PHE B 115 -11.03 -12.49 2.21
C PHE B 115 -10.47 -11.53 1.15
N PRO B 116 -10.38 -11.98 -0.10
CA PRO B 116 -9.78 -11.18 -1.17
C PRO B 116 -10.50 -9.86 -1.44
N ASN B 117 -9.71 -8.85 -1.80
CA ASN B 117 -10.23 -7.54 -2.19
C ASN B 117 -10.56 -7.53 -3.69
N GLY B 118 -11.85 -7.59 -4.01
CA GLY B 118 -12.29 -7.62 -5.41
C GLY B 118 -12.16 -6.30 -6.16
N LYS B 119 -11.84 -5.22 -5.44
CA LYS B 119 -11.64 -3.90 -6.05
C LYS B 119 -10.39 -3.84 -6.92
N MET B 120 -9.43 -4.72 -6.65
CA MET B 120 -8.11 -4.69 -7.31
C MET B 120 -8.15 -4.85 -8.83
N SER B 121 -9.03 -5.72 -9.32
CA SER B 121 -9.23 -5.93 -10.76
C SER B 121 -10.43 -6.84 -11.01
N GLU B 122 -10.81 -6.93 -12.29
CA GLU B 122 -11.80 -7.90 -12.76
C GLU B 122 -11.44 -9.31 -12.31
N GLU B 123 -10.19 -9.71 -12.55
CA GLU B 123 -9.69 -11.04 -12.19
C GLU B 123 -9.75 -11.32 -10.68
N ARG B 124 -9.47 -10.31 -9.87
CA ARG B 124 -9.49 -10.46 -8.41
C ARG B 124 -10.91 -10.52 -7.83
N LEU B 125 -11.86 -9.88 -8.50
CA LEU B 125 -13.26 -10.01 -8.12
C LEU B 125 -13.71 -11.46 -8.34
N LYS B 126 -13.38 -11.99 -9.51
CA LYS B 126 -13.65 -13.39 -9.87
C LYS B 126 -13.02 -14.32 -8.84
N TYR B 127 -11.76 -14.06 -8.51
CA TYR B 127 -11.04 -14.83 -7.49
C TYR B 127 -11.74 -14.74 -6.11
N LYS B 128 -12.18 -13.54 -5.72
CA LYS B 128 -12.86 -13.32 -4.44
C LYS B 128 -14.15 -14.15 -4.29
N LEU B 129 -14.95 -14.20 -5.35
CA LEU B 129 -16.22 -14.91 -5.34
C LEU B 129 -16.02 -16.42 -5.31
N GLU B 130 -14.98 -16.89 -5.99
CA GLU B 130 -14.63 -18.31 -5.98
C GLU B 130 -14.03 -18.72 -4.62
N PHE B 131 -13.31 -17.78 -4.00
CA PHE B 131 -12.81 -17.93 -2.63
C PHE B 131 -13.97 -18.00 -1.66
N TYR B 132 -14.97 -17.14 -1.86
CA TYR B 132 -16.21 -17.20 -1.09
C TYR B 132 -16.82 -18.61 -1.17
N ASP B 133 -16.88 -19.16 -2.39
CA ASP B 133 -17.44 -20.50 -2.63
C ASP B 133 -16.66 -21.60 -1.94
N ALA B 134 -15.33 -21.55 -2.04
CA ALA B 134 -14.46 -22.52 -1.37
C ALA B 134 -14.61 -22.44 0.14
N PHE B 135 -14.70 -21.22 0.68
CA PHE B 135 -14.88 -21.02 2.11
C PHE B 135 -16.18 -21.64 2.63
N LEU B 136 -17.29 -21.37 1.92
CA LEU B 136 -18.58 -21.90 2.36
C LEU B 136 -18.56 -23.42 2.37
N GLU B 137 -18.00 -24.02 1.32
CA GLU B 137 -17.84 -25.48 1.24
C GLU B 137 -17.09 -26.04 2.45
N ASP B 138 -15.99 -25.37 2.81
CA ASP B 138 -15.14 -25.81 3.91
C ASP B 138 -15.85 -25.69 5.26
N VAL B 139 -16.45 -24.54 5.53
CA VAL B 139 -17.12 -24.29 6.80
C VAL B 139 -18.37 -25.17 6.96
N ASN B 140 -19.11 -25.37 5.87
CA ASN B 140 -20.28 -26.26 5.87
C ASN B 140 -19.89 -27.71 6.13
N ARG B 141 -18.82 -28.17 5.47
CA ARG B 141 -18.30 -29.52 5.70
C ARG B 141 -17.97 -29.74 7.18
N GLU B 142 -17.34 -28.75 7.80
CA GLU B 142 -16.99 -28.81 9.22
C GLU B 142 -18.19 -28.71 10.14
N ARG B 143 -19.07 -27.74 9.87
CA ARG B 143 -20.30 -27.61 10.65
C ARG B 143 -21.17 -28.87 10.54
N ASP B 144 -21.30 -29.40 9.32
CA ASP B 144 -22.11 -30.60 9.06
C ASP B 144 -21.56 -31.85 9.74
N SER B 145 -20.24 -31.93 9.87
CA SER B 145 -19.60 -33.01 10.60
C SER B 145 -19.89 -32.92 12.11
N GLY B 146 -20.41 -31.78 12.55
CA GLY B 146 -20.86 -31.63 13.92
C GLY B 146 -20.13 -30.62 14.77
N ARG B 147 -19.23 -29.85 14.13
CA ARG B 147 -18.44 -28.84 14.84
C ARG B 147 -19.17 -27.50 14.97
N ASN B 148 -18.95 -26.84 16.10
CA ASN B 148 -19.27 -25.41 16.23
C ASN B 148 -18.14 -24.60 15.60
N VAL B 149 -18.49 -23.49 14.97
CA VAL B 149 -17.50 -22.65 14.29
C VAL B 149 -17.67 -21.17 14.60
N ILE B 150 -16.53 -20.48 14.74
CA ILE B 150 -16.49 -19.02 14.82
C ILE B 150 -15.66 -18.56 13.62
N ILE B 151 -16.20 -17.64 12.84
CA ILE B 151 -15.51 -17.12 11.67
C ILE B 151 -15.29 -15.62 11.88
N CYS B 152 -14.04 -15.20 11.84
CA CYS B 152 -13.77 -13.77 11.88
C CYS B 152 -12.85 -13.33 10.77
N GLY B 153 -12.94 -12.05 10.45
CA GLY B 153 -11.97 -11.44 9.58
C GLY B 153 -12.59 -10.38 8.71
N ASP B 154 -11.83 -10.07 7.67
CA ASP B 154 -12.16 -9.02 6.75
C ASP B 154 -12.84 -9.68 5.55
N PHE B 155 -14.16 -9.60 5.53
CA PHE B 155 -14.96 -10.12 4.42
C PHE B 155 -14.89 -9.25 3.17
N ASN B 156 -14.45 -8.00 3.33
CA ASN B 156 -14.30 -7.08 2.20
C ASN B 156 -15.62 -6.78 1.45
N THR B 157 -16.73 -6.97 2.16
CA THR B 157 -18.07 -6.70 1.65
C THR B 157 -18.95 -6.13 2.78
N ALA B 158 -19.68 -5.06 2.48
CA ALA B 158 -20.74 -4.59 3.36
C ALA B 158 -22.02 -5.34 2.99
N HIS B 159 -22.68 -5.92 3.98
CA HIS B 159 -23.81 -6.82 3.73
C HIS B 159 -25.05 -6.09 3.20
N ARG B 160 -25.53 -5.12 3.97
CA ARG B 160 -26.77 -4.43 3.66
C ARG B 160 -26.53 -2.93 3.56
N GLU B 161 -27.52 -2.18 3.10
CA GLU B 161 -27.38 -0.72 2.92
C GLU B 161 -27.00 -0.02 4.23
N ILE B 162 -27.45 -0.57 5.36
CA ILE B 162 -27.07 -0.06 6.69
C ILE B 162 -25.56 -0.19 7.00
N ASP B 163 -24.87 -1.03 6.25
CA ASP B 163 -23.46 -1.37 6.55
C ASP B 163 -22.41 -0.48 5.85
N LEU B 164 -22.86 0.56 5.15
CA LEU B 164 -21.93 1.54 4.57
C LEU B 164 -22.60 2.90 4.47
N ALA B 165 -21.79 3.94 4.58
CA ALA B 165 -22.28 5.32 4.54
C ALA B 165 -22.88 5.70 3.20
N ARG B 166 -22.38 5.11 2.10
CA ARG B 166 -22.84 5.51 0.77
C ARG B 166 -23.29 4.33 -0.14
N PRO B 167 -24.44 3.72 0.19
CA PRO B 167 -24.89 2.49 -0.50
C PRO B 167 -25.09 2.59 -2.03
N LYS B 168 -25.88 3.54 -2.52
CA LYS B 168 -26.20 3.59 -3.96
C LYS B 168 -24.99 3.88 -4.86
N GLU B 169 -24.13 4.81 -4.42
N GLU B 169 -24.12 4.80 -4.44
CA GLU B 169 -22.89 5.15 -5.11
CA GLU B 169 -22.93 5.11 -5.22
C GLU B 169 -22.01 3.92 -5.34
C GLU B 169 -22.01 3.90 -5.36
N ASN B 170 -22.02 3.04 -4.34
CA ASN B 170 -21.18 1.86 -4.32
C ASN B 170 -21.84 0.58 -4.82
N SER B 171 -23.06 0.71 -5.34
CA SER B 171 -23.83 -0.43 -5.88
C SER B 171 -23.13 -1.09 -7.07
N ASN B 172 -22.22 -0.36 -7.71
CA ASN B 172 -21.48 -0.85 -8.86
C ASN B 172 -20.00 -1.07 -8.53
N VAL B 173 -19.67 -1.02 -7.24
CA VAL B 173 -18.30 -1.14 -6.75
C VAL B 173 -18.13 -2.41 -5.92
N SER B 174 -17.08 -3.17 -6.20
CA SER B 174 -16.76 -4.35 -5.39
C SER B 174 -16.65 -3.97 -3.92
N GLY B 175 -17.33 -4.72 -3.07
CA GLY B 175 -17.52 -4.33 -1.69
C GLY B 175 -18.99 -4.12 -1.40
N PHE B 176 -19.76 -3.85 -2.46
CA PHE B 176 -21.22 -3.71 -2.33
C PHE B 176 -21.97 -4.11 -3.61
N LEU B 177 -21.38 -4.97 -4.41
CA LEU B 177 -22.06 -5.53 -5.59
C LEU B 177 -23.19 -6.46 -5.17
N PRO B 178 -24.30 -6.47 -5.93
CA PRO B 178 -25.38 -7.44 -5.72
C PRO B 178 -24.87 -8.87 -5.49
N VAL B 179 -23.97 -9.36 -6.35
CA VAL B 179 -23.44 -10.73 -6.28
C VAL B 179 -22.69 -11.02 -4.97
N GLU B 180 -21.98 -10.02 -4.45
CA GLU B 180 -21.25 -10.14 -3.18
C GLU B 180 -22.21 -10.10 -2.00
N ARG B 181 -23.18 -9.17 -2.05
CA ARG B 181 -24.21 -9.10 -1.03
C ARG B 181 -25.06 -10.38 -1.02
N ALA B 182 -25.37 -10.91 -2.20
CA ALA B 182 -26.16 -12.14 -2.33
C ALA B 182 -25.42 -13.34 -1.72
N TRP B 183 -24.08 -13.33 -1.81
CA TRP B 183 -23.30 -14.39 -1.19
C TRP B 183 -23.38 -14.35 0.34
N ILE B 184 -23.26 -13.17 0.95
CA ILE B 184 -23.43 -13.06 2.40
C ILE B 184 -24.84 -13.51 2.83
N ASP B 185 -25.87 -13.18 2.04
CA ASP B 185 -27.22 -13.72 2.26
C ASP B 185 -27.21 -15.25 2.27
N LYS B 186 -26.57 -15.85 1.27
CA LYS B 186 -26.50 -17.31 1.13
C LYS B 186 -25.78 -17.93 2.32
N PHE B 187 -24.65 -17.31 2.69
CA PHE B 187 -23.86 -17.71 3.87
C PHE B 187 -24.75 -17.76 5.11
N ILE B 188 -25.43 -16.64 5.39
CA ILE B 188 -26.32 -16.55 6.54
C ILE B 188 -27.46 -17.60 6.45
N GLU B 189 -28.00 -17.78 5.25
CA GLU B 189 -29.08 -18.76 4.97
C GLU B 189 -28.63 -20.20 5.23
N ASN B 190 -27.32 -20.44 5.11
CA ASN B 190 -26.75 -21.76 5.37
C ASN B 190 -26.63 -22.10 6.86
N GLY B 191 -27.04 -21.16 7.71
CA GLY B 191 -27.13 -21.38 9.15
C GLY B 191 -26.10 -20.67 10.01
N TYR B 192 -25.69 -19.48 9.59
CA TYR B 192 -24.72 -18.70 10.34
C TYR B 192 -25.25 -17.31 10.67
N VAL B 193 -24.76 -16.74 11.77
CA VAL B 193 -25.28 -15.48 12.32
C VAL B 193 -24.22 -14.37 12.38
N ASP B 194 -24.54 -13.22 11.78
CA ASP B 194 -23.75 -11.99 11.90
C ASP B 194 -23.91 -11.47 13.32
N THR B 195 -22.90 -11.71 14.16
CA THR B 195 -23.03 -11.54 15.62
C THR B 195 -23.23 -10.10 16.06
N PHE B 196 -22.60 -9.16 15.36
CA PHE B 196 -22.78 -7.75 15.68
C PHE B 196 -24.26 -7.36 15.62
N ARG B 197 -24.96 -7.85 14.61
CA ARG B 197 -26.37 -7.54 14.40
C ARG B 197 -27.33 -8.24 15.38
N MET B 198 -26.79 -9.14 16.20
CA MET B 198 -27.53 -9.71 17.32
C MET B 198 -27.74 -8.65 18.39
N PHE B 199 -26.78 -7.74 18.54
CA PHE B 199 -26.72 -6.80 19.67
C PHE B 199 -26.87 -5.34 19.29
N ASN B 200 -26.59 -5.01 18.03
CA ASN B 200 -26.62 -3.62 17.57
C ASN B 200 -27.35 -3.48 16.24
N SER B 201 -28.41 -2.67 16.24
N SER B 201 -28.41 -2.68 16.24
CA SER B 201 -29.22 -2.47 15.04
CA SER B 201 -29.23 -2.45 15.04
C SER B 201 -29.09 -1.04 14.49
C SER B 201 -29.09 -1.04 14.49
N ASP B 202 -28.15 -0.27 15.04
CA ASP B 202 -27.92 1.13 14.65
C ASP B 202 -27.24 1.30 13.30
N PRO B 203 -27.54 2.41 12.59
CA PRO B 203 -26.72 2.79 11.43
C PRO B 203 -25.39 3.40 11.88
N GLY B 204 -24.47 3.62 10.95
CA GLY B 204 -23.21 4.29 11.24
C GLY B 204 -22.18 3.46 12.00
N GLN B 205 -22.35 2.14 11.98
CA GLN B 205 -21.44 1.23 12.67
C GLN B 205 -20.47 0.66 11.65
N TYR B 206 -19.30 1.28 11.56
CA TYR B 206 -18.31 0.91 10.55
C TYR B 206 -17.00 0.37 11.13
N THR B 207 -16.22 -0.31 10.29
CA THR B 207 -14.98 -0.92 10.73
C THR B 207 -13.82 -0.53 9.80
N SER B 208 -14.13 0.18 8.72
CA SER B 208 -13.13 0.53 7.71
C SER B 208 -13.47 1.87 7.05
N TRP B 209 -12.43 2.67 6.81
CA TRP B 209 -12.57 4.00 6.20
C TRP B 209 -11.39 4.25 5.28
N SER B 210 -11.63 4.91 4.16
CA SER B 210 -10.56 5.35 3.27
C SER B 210 -9.64 6.38 3.97
N TYR B 211 -8.38 6.45 3.52
CA TYR B 211 -7.47 7.48 4.02
C TYR B 211 -7.68 8.87 3.36
N ARG B 212 -8.72 9.03 2.54
CA ARG B 212 -9.07 10.32 1.92
C ARG B 212 -9.50 11.32 3.01
N THR B 213 -9.19 12.61 2.80
CA THR B 213 -9.37 13.64 3.83
C THR B 213 -10.70 13.53 4.56
N ARG B 214 -10.63 13.42 5.89
CA ARG B 214 -11.79 13.45 6.78
C ARG B 214 -12.80 12.32 6.58
N ALA B 215 -12.40 11.22 5.93
CA ALA B 215 -13.31 10.08 5.80
C ALA B 215 -13.62 9.45 7.16
N ARG B 216 -12.57 9.06 7.90
CA ARG B 216 -12.77 8.44 9.21
C ARG B 216 -13.38 9.42 10.22
N GLU B 217 -12.96 10.68 10.16
CA GLU B 217 -13.45 11.72 11.05
C GLU B 217 -14.93 12.00 10.84
N ARG B 218 -15.35 12.01 9.58
CA ARG B 218 -16.76 12.21 9.24
C ARG B 218 -17.52 10.88 9.25
N ASN B 219 -16.83 9.82 9.66
CA ASN B 219 -17.39 8.47 9.70
C ASN B 219 -18.03 8.05 8.37
N VAL B 220 -17.33 8.31 7.27
CA VAL B 220 -17.75 7.85 5.96
C VAL B 220 -17.07 6.50 5.76
N GLY B 221 -17.77 5.44 6.15
CA GLY B 221 -17.14 4.14 6.29
C GLY B 221 -17.93 2.95 5.81
N TRP B 222 -17.37 1.78 6.09
CA TRP B 222 -17.92 0.49 5.69
C TRP B 222 -17.74 -0.48 6.85
N ARG B 223 -18.74 -1.32 7.07
CA ARG B 223 -18.54 -2.48 7.95
C ARG B 223 -18.13 -3.67 7.06
N LEU B 224 -16.84 -3.98 7.08
CA LEU B 224 -16.25 -5.05 6.27
C LEU B 224 -15.78 -6.22 7.12
N ASP B 225 -15.74 -6.01 8.43
CA ASP B 225 -15.20 -6.98 9.36
C ASP B 225 -16.31 -7.54 10.22
N TYR B 226 -16.33 -8.86 10.33
CA TYR B 226 -17.42 -9.56 10.99
C TYR B 226 -16.92 -10.68 11.89
N PHE B 227 -17.75 -11.03 12.87
CA PHE B 227 -17.67 -12.28 13.61
C PHE B 227 -18.94 -13.05 13.31
N PHE B 228 -18.83 -14.21 12.65
CA PHE B 228 -19.97 -15.09 12.41
C PHE B 228 -19.85 -16.34 13.28
N VAL B 229 -21.00 -16.88 13.70
CA VAL B 229 -21.04 -18.19 14.36
C VAL B 229 -22.16 -19.04 13.75
N ASN B 230 -22.03 -20.37 13.83
CA ASN B 230 -23.17 -21.21 13.42
C ASN B 230 -24.34 -20.97 14.37
N GLU B 231 -25.56 -21.08 13.84
CA GLU B 231 -26.81 -20.86 14.59
C GLU B 231 -26.79 -21.53 15.97
N GLU B 232 -26.32 -22.78 15.99
CA GLU B 232 -26.33 -23.64 17.18
C GLU B 232 -25.43 -23.11 18.29
N PHE B 233 -24.48 -22.25 17.93
CA PHE B 233 -23.50 -21.70 18.86
C PHE B 233 -23.88 -20.28 19.31
N LYS B 234 -24.90 -19.70 18.68
CA LYS B 234 -25.32 -18.31 18.95
C LYS B 234 -25.55 -18.01 20.44
N GLY B 235 -26.09 -19.00 21.17
CA GLY B 235 -26.39 -18.85 22.59
C GLY B 235 -25.18 -18.63 23.49
N LYS B 236 -24.00 -18.94 22.96
CA LYS B 236 -22.74 -18.80 23.70
C LYS B 236 -22.11 -17.40 23.52
N VAL B 237 -22.66 -16.62 22.60
CA VAL B 237 -22.14 -15.29 22.30
C VAL B 237 -22.67 -14.26 23.31
N LYS B 238 -21.74 -13.68 24.07
CA LYS B 238 -22.06 -12.75 25.13
C LYS B 238 -22.12 -11.31 24.61
N ARG B 239 -21.21 -11.02 23.68
CA ARG B 239 -21.01 -9.65 23.22
C ARG B 239 -20.30 -9.65 21.87
N SER B 240 -20.65 -8.68 21.03
CA SER B 240 -20.02 -8.50 19.72
C SER B 240 -20.02 -7.00 19.41
N TRP B 241 -18.83 -6.41 19.33
CA TRP B 241 -18.71 -4.96 19.23
C TRP B 241 -17.55 -4.47 18.35
N ILE B 242 -17.59 -3.19 18.01
CA ILE B 242 -16.57 -2.56 17.17
C ILE B 242 -15.70 -1.63 18.01
N LEU B 243 -14.39 -1.84 17.94
CA LEU B 243 -13.43 -1.02 18.68
C LEU B 243 -13.08 0.25 17.89
N SER B 244 -14.08 1.13 17.75
CA SER B 244 -14.07 2.32 16.87
C SER B 244 -12.90 3.29 17.05
N ASP B 245 -12.34 3.32 18.25
CA ASP B 245 -11.36 4.36 18.62
C ASP B 245 -9.90 3.93 18.47
N VAL B 246 -9.68 2.65 18.18
CA VAL B 246 -8.32 2.13 17.97
C VAL B 246 -7.81 2.54 16.57
N MET B 247 -6.68 3.25 16.56
CA MET B 247 -6.12 3.81 15.33
C MET B 247 -4.97 2.95 14.85
N GLY B 248 -4.42 3.27 13.68
CA GLY B 248 -3.22 2.60 13.18
C GLY B 248 -3.37 1.85 11.87
N SER B 249 -4.61 1.68 11.42
CA SER B 249 -4.91 0.96 10.19
C SER B 249 -6.11 1.60 9.51
N ASP B 250 -6.39 1.22 8.26
CA ASP B 250 -7.63 1.66 7.61
C ASP B 250 -8.83 0.83 8.05
N HIS B 251 -8.59 -0.21 8.86
CA HIS B 251 -9.64 -0.91 9.61
C HIS B 251 -9.44 -0.68 11.11
N CYS B 252 -10.52 -0.82 11.88
CA CYS B 252 -10.43 -0.88 13.35
C CYS B 252 -10.71 -2.32 13.80
N PRO B 253 -10.26 -2.69 15.01
CA PRO B 253 -10.54 -4.04 15.51
C PRO B 253 -12.02 -4.26 15.80
N ILE B 254 -12.43 -5.53 15.81
CA ILE B 254 -13.76 -5.92 16.29
C ILE B 254 -13.59 -6.96 17.39
N GLY B 255 -14.56 -7.04 18.30
CA GLY B 255 -14.48 -7.95 19.44
C GLY B 255 -15.63 -8.93 19.52
N LEU B 256 -15.34 -10.10 20.09
CA LEU B 256 -16.35 -11.09 20.41
C LEU B 256 -16.05 -11.67 21.79
N GLU B 257 -17.09 -11.84 22.59
CA GLU B 257 -16.98 -12.52 23.87
C GLU B 257 -17.91 -13.73 23.87
N ILE B 258 -17.33 -14.88 24.22
CA ILE B 258 -18.07 -16.13 24.30
C ILE B 258 -17.90 -16.78 25.67
N GLU B 259 -18.93 -17.49 26.09
CA GLU B 259 -18.92 -18.21 27.35
C GLU B 259 -19.28 -19.66 27.09
N LEU B 260 -18.43 -20.58 27.55
CA LEU B 260 -18.62 -22.02 27.28
C LEU B 260 -19.36 -22.71 28.42
MG MG C . 8.29 11.06 -21.37
C FMT D . 26.58 -1.52 -6.28
O1 FMT D . 26.85 -1.69 -5.07
O2 FMT D . 27.27 -0.91 -7.12
C FMT E . 12.18 -8.55 1.45
O1 FMT E . 12.50 -7.35 1.39
O2 FMT E . 11.35 -9.14 0.70
C FMT F . 28.18 14.92 -16.33
O1 FMT F . 28.31 14.22 -17.38
O2 FMT F . 27.99 14.48 -15.16
C FMT G . -8.42 -0.59 -4.48
O1 FMT G . -8.50 -0.98 -5.66
O2 FMT G . -8.53 -1.29 -3.44
C FMT H . 3.08 23.33 0.36
O1 FMT H . 1.95 23.37 -0.19
O2 FMT H . 3.43 22.56 1.27
C1 PEG I . -3.77 20.44 2.43
O1 PEG I . -4.62 21.13 1.51
C2 PEG I . -2.32 20.66 2.03
O2 PEG I . -1.59 21.12 3.17
C3 PEG I . -0.23 21.40 2.83
C4 PEG I . 0.08 22.86 3.17
O4 PEG I . -0.12 23.06 4.57
C1 PEG J . -0.52 7.62 -17.78
O1 PEG J . 0.70 8.37 -17.85
C2 PEG J . -0.26 6.15 -18.13
O2 PEG J . 1.02 5.74 -17.65
C3 PEG J . 0.89 5.08 -16.37
C4 PEG J . 2.25 4.50 -15.97
O4 PEG J . 2.53 3.36 -16.81
C FMT K . 3.51 21.66 -22.05
O1 FMT K . 3.07 21.62 -20.87
O2 FMT K . 4.35 20.87 -22.56
C1 PEG L . -1.97 12.48 7.32
O1 PEG L . -2.74 11.92 8.38
C2 PEG L . -2.89 13.22 6.36
O2 PEG L . -2.90 14.60 6.70
C3 PEG L . -3.53 15.36 5.66
C4 PEG L . -4.49 16.37 6.26
O4 PEG L . -3.76 17.23 7.14
C FMT M . 12.47 7.51 -21.83
O1 FMT M . 12.92 8.03 -22.88
O2 FMT M . 11.53 6.68 -21.73
C FMT N . -6.13 7.88 -18.26
O1 FMT N . -6.57 7.33 -17.22
O2 FMT N . -4.99 8.38 -18.41
C FMT O . 1.15 4.85 2.24
O1 FMT O . 0.67 6.01 2.28
O2 FMT O . 1.36 4.07 3.21
MG MG P . -5.32 -3.29 3.52
C FMT Q . -30.71 -2.61 4.01
O1 FMT Q . -30.28 -3.22 2.99
O2 FMT Q . -30.05 -2.26 5.01
C FMT R . -31.27 -6.19 17.94
O1 FMT R . -31.95 -6.35 16.91
O2 FMT R . -31.12 -5.13 18.57
C FMT S . 14.51 -8.81 12.35
O1 FMT S . 14.78 -8.92 13.57
O2 FMT S . 14.06 -7.78 11.79
#